data_7N5T
#
_entry.id   7N5T
#
_cell.length_a   35.479
_cell.length_b   36.366
_cell.length_c   176.377
_cell.angle_alpha   90.000
_cell.angle_beta   90.000
_cell.angle_gamma   90.000
#
_symmetry.space_group_name_H-M   'P 2 2 21'
#
loop_
_entity.id
_entity.type
_entity.pdbx_description
1 polymer 'Zinc finger and BTB domain-containing protein 7A'
2 polymer 'DNA Strand I'
3 polymer 'DNA Strand II'
4 non-polymer 'ZINC ION'
#
loop_
_entity_poly.entity_id
_entity_poly.type
_entity_poly.pdbx_seq_one_letter_code
_entity_poly.pdbx_strand_id
1 'polypeptide(L)'
;GPLGSQKVEKKIRAKAFQKCPICEKVIQGAGKLPRHIRTHTGEKPYECNICKVRFTRQDKLKVHMRKHTGEKPYLCQQCG
AAFAHNYDLKNHMRVHTGLRPYQCDSCCKTFVRSDHLHRHLKKDGCNGVPSRRGRKLERPHRD
;
A
2 'polydeoxyribonucleotide' (DT)(DG)(DT)(DG)(DG)(DG)(DG)(DA)(DA)(DG)(DG)(DG)(DG)(DC)(DC) X
3 'polydeoxyribonucleotide' (DA)(DG)(DG)(DC)(DC)(DC)(DC)(DT)(DT)(DC)(DC)(DC)(DC)(DA)(DC) Y
#
loop_
_chem_comp.id
_chem_comp.type
_chem_comp.name
_chem_comp.formula
DA DNA linking 2'-DEOXYADENOSINE-5'-MONOPHOSPHATE 'C10 H14 N5 O6 P'
DC DNA linking 2'-DEOXYCYTIDINE-5'-MONOPHOSPHATE 'C9 H14 N3 O7 P'
DG DNA linking 2'-DEOXYGUANOSINE-5'-MONOPHOSPHATE 'C10 H14 N5 O7 P'
DT DNA linking THYMIDINE-5'-MONOPHOSPHATE 'C10 H15 N2 O8 P'
ZN non-polymer 'ZINC ION' 'Zn 2'
#
# COMPACT_ATOMS: atom_id res chain seq x y z
N PHE A 17 20.64 7.04 3.19
CA PHE A 17 20.99 7.63 1.90
C PHE A 17 22.10 6.84 1.21
N GLN A 18 21.71 5.92 0.33
CA GLN A 18 22.65 5.12 -0.43
C GLN A 18 22.23 5.11 -1.90
N LYS A 19 23.21 4.94 -2.78
CA LYS A 19 22.99 4.96 -4.22
C LYS A 19 22.94 3.53 -4.74
N CYS A 20 21.92 3.24 -5.55
CA CYS A 20 21.78 1.92 -6.14
C CYS A 20 22.87 1.70 -7.19
N PRO A 21 23.66 0.64 -7.09
CA PRO A 21 24.69 0.39 -8.11
C PRO A 21 24.11 0.10 -9.50
N ILE A 22 22.83 -0.24 -9.60
CA ILE A 22 22.23 -0.61 -10.88
C ILE A 22 21.64 0.61 -11.57
N CYS A 23 20.68 1.28 -10.93
CA CYS A 23 19.99 2.41 -11.54
C CYS A 23 20.52 3.76 -11.09
N GLU A 24 21.56 3.78 -10.25
CA GLU A 24 22.25 5.01 -9.85
C GLU A 24 21.28 6.05 -9.29
N LYS A 25 20.41 5.61 -8.39
CA LYS A 25 19.46 6.49 -7.73
C LYS A 25 19.59 6.35 -6.22
N VAL A 26 19.27 7.42 -5.51
CA VAL A 26 19.45 7.46 -4.06
C VAL A 26 18.32 6.69 -3.39
N ILE A 27 18.70 5.75 -2.52
CA ILE A 27 17.76 4.97 -1.73
C ILE A 27 18.01 5.30 -0.27
N GLN A 28 16.98 5.80 0.41
CA GLN A 28 17.11 6.17 1.80
C GLN A 28 16.80 4.98 2.70
N GLY A 29 17.54 4.87 3.80
CA GLY A 29 17.41 3.73 4.68
C GLY A 29 18.59 2.78 4.55
N ALA A 30 19.20 2.43 5.68
CA ALA A 30 20.39 1.60 5.66
C ALA A 30 20.08 0.20 5.14
N GLY A 31 19.04 -0.43 5.68
CA GLY A 31 18.68 -1.78 5.30
C GLY A 31 17.81 -1.92 4.06
N LYS A 32 17.41 -0.81 3.45
CA LYS A 32 16.54 -0.89 2.28
C LYS A 32 17.32 -1.09 0.99
N LEU A 33 18.64 -0.95 1.01
CA LEU A 33 19.43 -1.14 -0.20
C LEU A 33 19.32 -2.55 -0.77
N PRO A 34 19.45 -3.63 0.01
CA PRO A 34 19.25 -4.96 -0.57
C PRO A 34 17.87 -5.18 -1.16
N ARG A 35 16.83 -4.62 -0.52
CA ARG A 35 15.46 -4.84 -0.99
C ARG A 35 15.24 -4.22 -2.36
N HIS A 36 15.73 -3.00 -2.58
CA HIS A 36 15.54 -2.35 -3.87
C HIS A 36 16.22 -3.13 -4.98
N ILE A 37 17.40 -3.69 -4.71
CA ILE A 37 18.08 -4.52 -5.68
C ILE A 37 17.24 -5.73 -6.03
N ARG A 38 16.50 -6.27 -5.06
CA ARG A 38 15.65 -7.44 -5.30
C ARG A 38 14.58 -7.17 -6.35
N THR A 39 14.21 -5.89 -6.54
CA THR A 39 13.22 -5.54 -7.55
C THR A 39 13.80 -5.54 -8.97
N HIS A 40 15.12 -5.46 -9.11
CA HIS A 40 15.76 -5.48 -10.42
C HIS A 40 16.05 -6.89 -10.93
N THR A 41 15.90 -7.91 -10.08
CA THR A 41 16.22 -9.28 -10.46
C THR A 41 15.02 -10.23 -10.47
N GLY A 42 13.93 -9.87 -9.81
CA GLY A 42 12.76 -10.72 -9.80
C GLY A 42 12.86 -11.94 -8.90
N GLU A 43 13.88 -12.02 -8.05
CA GLU A 43 14.00 -13.14 -7.13
C GLU A 43 12.98 -13.02 -6.00
N LYS A 44 12.45 -14.16 -5.57
CA LYS A 44 11.44 -14.21 -4.51
C LYS A 44 11.90 -15.21 -3.44
N PRO A 45 12.87 -14.81 -2.61
CA PRO A 45 13.42 -15.76 -1.62
C PRO A 45 12.42 -16.23 -0.59
N TYR A 46 11.44 -15.40 -0.22
CA TYR A 46 10.48 -15.75 0.81
C TYR A 46 9.32 -16.52 0.19
N GLU A 47 9.00 -17.67 0.79
CA GLU A 47 7.97 -18.57 0.28
C GLU A 47 7.08 -19.02 1.42
N CYS A 48 5.77 -18.99 1.20
CA CYS A 48 4.82 -19.49 2.19
C CYS A 48 4.94 -20.99 2.32
N ASN A 49 4.88 -21.47 3.57
CA ASN A 49 5.02 -22.90 3.82
C ASN A 49 3.73 -23.69 3.61
N ILE A 50 2.60 -23.01 3.39
CA ILE A 50 1.33 -23.70 3.21
C ILE A 50 0.96 -23.76 1.73
N CYS A 51 0.81 -22.61 1.09
CA CYS A 51 0.42 -22.56 -0.31
C CYS A 51 1.61 -22.54 -1.27
N LYS A 52 2.85 -22.52 -0.74
CA LYS A 52 4.06 -22.59 -1.54
C LYS A 52 4.14 -21.46 -2.56
N VAL A 53 3.66 -20.27 -2.17
CA VAL A 53 3.69 -19.09 -3.02
C VAL A 53 4.86 -18.23 -2.59
N ARG A 54 5.69 -17.83 -3.56
CA ARG A 54 6.90 -17.08 -3.28
C ARG A 54 6.65 -15.59 -3.35
N PHE A 55 7.28 -14.85 -2.44
CA PHE A 55 7.13 -13.41 -2.36
C PHE A 55 8.49 -12.74 -2.41
N THR A 56 8.51 -11.51 -2.93
CA THR A 56 9.74 -10.75 -3.01
C THR A 56 10.13 -10.12 -1.67
N ARG A 57 9.15 -9.83 -0.82
CA ARG A 57 9.40 -9.15 0.45
C ARG A 57 8.84 -9.98 1.60
N GLN A 58 9.47 -9.86 2.77
CA GLN A 58 9.05 -10.62 3.93
C GLN A 58 7.72 -10.12 4.48
N ASP A 59 7.54 -8.79 4.54
CA ASP A 59 6.30 -8.25 5.11
C ASP A 59 5.09 -8.62 4.28
N LYS A 60 5.26 -8.77 2.96
CA LYS A 60 4.16 -9.26 2.13
C LYS A 60 3.78 -10.69 2.51
N LEU A 61 4.78 -11.53 2.82
CA LEU A 61 4.50 -12.87 3.32
C LEU A 61 3.76 -12.81 4.65
N LYS A 62 4.10 -11.83 5.50
CA LYS A 62 3.38 -11.65 6.75
C LYS A 62 1.90 -11.37 6.50
N VAL A 63 1.60 -10.52 5.50
CA VAL A 63 0.21 -10.24 5.17
C VAL A 63 -0.47 -11.50 4.62
N HIS A 64 0.23 -12.26 3.78
CA HIS A 64 -0.33 -13.51 3.28
C HIS A 64 -0.62 -14.48 4.43
N MET A 65 0.19 -14.45 5.48
CA MET A 65 -0.08 -15.25 6.66
C MET A 65 -1.36 -14.81 7.35
N ARG A 66 -1.64 -13.50 7.35
CA ARG A 66 -2.90 -13.01 7.90
C ARG A 66 -4.09 -13.59 7.15
N LYS A 67 -3.93 -13.90 5.86
CA LYS A 67 -4.99 -14.53 5.10
C LYS A 67 -5.24 -15.95 5.58
N HIS A 68 -4.18 -16.74 5.74
CA HIS A 68 -4.35 -18.14 6.14
C HIS A 68 -4.82 -18.25 7.58
N THR A 69 -4.24 -17.47 8.49
CA THR A 69 -4.65 -17.53 9.89
C THR A 69 -6.05 -16.97 10.11
N GLY A 70 -6.47 -16.04 9.25
CA GLY A 70 -7.77 -15.42 9.42
C GLY A 70 -7.79 -14.27 10.40
N GLU A 71 -6.64 -13.87 10.93
CA GLU A 71 -6.58 -12.79 11.90
C GLU A 71 -6.98 -11.46 11.27
N LYS A 72 -7.74 -10.66 12.02
CA LYS A 72 -8.13 -9.32 11.60
C LYS A 72 -7.82 -8.35 12.74
N PRO A 73 -6.54 -8.06 12.96
CA PRO A 73 -6.16 -7.21 14.11
C PRO A 73 -6.54 -5.76 13.94
N TYR A 74 -6.79 -5.30 12.72
CA TYR A 74 -7.16 -3.90 12.51
C TYR A 74 -8.58 -3.65 13.01
N LEU A 75 -8.70 -3.21 14.25
CA LEU A 75 -10.00 -2.98 14.87
C LEU A 75 -10.32 -1.50 14.86
N CYS A 76 -11.49 -1.15 14.33
CA CYS A 76 -11.92 0.25 14.33
C CYS A 76 -12.10 0.73 15.76
N GLN A 77 -11.55 1.91 16.06
CA GLN A 77 -11.66 2.46 17.41
C GLN A 77 -13.04 3.06 17.66
N GLN A 78 -13.69 3.61 16.63
CA GLN A 78 -14.97 4.27 16.82
C GLN A 78 -16.10 3.27 17.05
N CYS A 79 -16.13 2.18 16.27
CA CYS A 79 -17.26 1.24 16.34
C CYS A 79 -16.86 -0.20 16.64
N GLY A 80 -15.57 -0.53 16.67
CA GLY A 80 -15.13 -1.86 17.05
C GLY A 80 -15.07 -2.88 15.94
N ALA A 81 -15.26 -2.48 14.69
CA ALA A 81 -15.22 -3.44 13.59
C ALA A 81 -13.79 -3.85 13.28
N ALA A 82 -13.61 -5.13 12.96
CA ALA A 82 -12.29 -5.69 12.66
C ALA A 82 -12.15 -5.94 11.16
N PHE A 83 -10.97 -5.66 10.63
CA PHE A 83 -10.71 -5.80 9.20
C PHE A 83 -9.39 -6.53 8.99
N ALA A 84 -9.26 -7.15 7.83
CA ALA A 84 -8.10 -7.98 7.54
C ALA A 84 -6.86 -7.12 7.30
N HIS A 85 -6.99 -6.05 6.52
CA HIS A 85 -5.84 -5.26 6.10
C HIS A 85 -6.06 -3.79 6.47
N ASN A 86 -5.01 -3.00 6.24
CA ASN A 86 -5.05 -1.59 6.63
C ASN A 86 -5.95 -0.78 5.71
N TYR A 87 -5.88 -1.01 4.40
CA TYR A 87 -6.71 -0.25 3.47
C TYR A 87 -8.18 -0.53 3.67
N ASP A 88 -8.54 -1.75 4.09
CA ASP A 88 -9.92 -2.03 4.44
C ASP A 88 -10.35 -1.24 5.68
N LEU A 89 -9.43 -1.08 6.64
CA LEU A 89 -9.72 -0.21 7.77
C LEU A 89 -9.90 1.24 7.33
N LYS A 90 -9.06 1.71 6.41
CA LYS A 90 -9.19 3.07 5.91
C LYS A 90 -10.53 3.29 5.21
N ASN A 91 -10.98 2.29 4.45
CA ASN A 91 -12.26 2.42 3.76
C ASN A 91 -13.42 2.50 4.76
N HIS A 92 -13.29 1.82 5.90
CA HIS A 92 -14.33 1.90 6.92
C HIS A 92 -14.27 3.23 7.66
N MET A 93 -13.07 3.81 7.82
CA MET A 93 -12.95 5.07 8.56
C MET A 93 -13.64 6.21 7.83
N ARG A 94 -13.57 6.23 6.49
CA ARG A 94 -14.26 7.27 5.74
C ARG A 94 -15.77 7.18 5.87
N VAL A 95 -16.30 6.00 6.20
CA VAL A 95 -17.73 5.89 6.49
C VAL A 95 -18.06 6.57 7.81
N HIS A 96 -17.19 6.42 8.81
CA HIS A 96 -17.40 7.10 10.08
C HIS A 96 -17.37 8.61 9.92
N THR A 97 -16.40 9.12 9.17
CA THR A 97 -16.28 10.55 8.93
C THR A 97 -15.45 10.79 7.68
N GLY A 98 -15.84 11.79 6.89
CA GLY A 98 -15.12 12.13 5.69
C GLY A 98 -15.30 11.13 4.56
N LEU A 99 -16.53 11.05 4.02
CA LEU A 99 -16.80 10.09 2.95
C LEU A 99 -15.98 10.39 1.70
N ARG A 100 -15.89 11.67 1.31
CA ARG A 100 -15.15 12.08 0.12
C ARG A 100 -14.18 13.19 0.50
N PRO A 101 -12.95 12.83 0.87
CA PRO A 101 -12.02 13.83 1.41
C PRO A 101 -11.32 14.68 0.35
N TYR A 102 -11.02 14.09 -0.81
CA TYR A 102 -10.21 14.77 -1.81
C TYR A 102 -11.07 15.66 -2.70
N GLN A 103 -10.39 16.55 -3.43
CA GLN A 103 -11.08 17.50 -4.30
C GLN A 103 -10.11 18.00 -5.37
N CYS A 104 -10.66 18.31 -6.54
CA CYS A 104 -9.90 19.00 -7.58
C CYS A 104 -9.98 20.51 -7.35
N ASP A 105 -8.82 21.17 -7.35
CA ASP A 105 -8.80 22.61 -7.09
C ASP A 105 -9.54 23.40 -8.16
N SER A 106 -9.34 23.05 -9.43
CA SER A 106 -9.90 23.83 -10.52
C SER A 106 -11.40 23.54 -10.72
N CYS A 107 -11.80 22.27 -10.70
CA CYS A 107 -13.16 21.89 -11.04
C CYS A 107 -14.03 21.62 -9.83
N CYS A 108 -13.46 21.60 -8.62
CA CYS A 108 -14.20 21.44 -7.38
C CYS A 108 -14.99 20.13 -7.33
N LYS A 109 -14.44 19.07 -7.90
CA LYS A 109 -15.08 17.76 -7.89
C LYS A 109 -14.51 16.93 -6.75
N THR A 110 -15.40 16.41 -5.90
CA THR A 110 -14.98 15.60 -4.76
C THR A 110 -14.57 14.20 -5.22
N PHE A 111 -13.54 13.65 -4.57
CA PHE A 111 -13.05 12.32 -4.88
C PHE A 111 -12.82 11.55 -3.58
N VAL A 112 -12.87 10.23 -3.68
CA VAL A 112 -12.78 9.37 -2.52
C VAL A 112 -11.33 9.00 -2.20
N ARG A 113 -10.56 8.60 -3.22
CA ARG A 113 -9.20 8.13 -3.02
C ARG A 113 -8.21 9.02 -3.75
N SER A 114 -6.97 9.04 -3.26
CA SER A 114 -5.96 9.92 -3.82
C SER A 114 -5.64 9.57 -5.26
N ASP A 115 -5.56 8.27 -5.58
CA ASP A 115 -5.31 7.86 -6.96
C ASP A 115 -6.45 8.27 -7.88
N HIS A 116 -7.69 8.28 -7.37
CA HIS A 116 -8.83 8.74 -8.15
C HIS A 116 -8.70 10.23 -8.47
N LEU A 117 -8.24 11.03 -7.50
CA LEU A 117 -7.95 12.43 -7.78
C LEU A 117 -6.83 12.55 -8.81
N HIS A 118 -5.79 11.71 -8.69
CA HIS A 118 -4.74 11.71 -9.70
C HIS A 118 -5.25 11.23 -11.04
N ARG A 119 -6.29 10.39 -11.06
CA ARG A 119 -6.94 10.00 -12.31
C ARG A 119 -7.44 11.23 -13.06
N HIS A 120 -8.14 12.12 -12.35
CA HIS A 120 -8.53 13.40 -12.93
C HIS A 120 -7.30 14.25 -13.21
N LEU A 121 -6.32 14.21 -12.31
CA LEU A 121 -5.09 14.98 -12.51
C LEU A 121 -4.24 14.41 -13.63
N LYS A 122 -4.34 13.11 -13.90
CA LYS A 122 -3.62 12.53 -15.03
C LYS A 122 -4.12 13.12 -16.34
N LYS A 123 -5.43 13.29 -16.47
CA LYS A 123 -5.97 14.00 -17.63
C LYS A 123 -5.52 15.46 -17.62
N ASP A 124 -5.54 16.09 -16.45
CA ASP A 124 -5.06 17.46 -16.26
C ASP A 124 -5.76 18.45 -17.19
N GLY A 125 -6.99 18.14 -17.59
CA GLY A 125 -7.72 19.02 -18.48
C GLY A 125 -8.19 20.31 -17.83
N CYS A 126 -8.32 20.31 -16.50
CA CYS A 126 -8.76 21.51 -15.79
C CYS A 126 -7.65 22.53 -15.62
N ASN A 127 -6.39 22.13 -15.79
CA ASN A 127 -5.27 23.04 -15.63
C ASN A 127 -4.60 23.35 -16.97
ZN ZN D . 0.00 -19.43 1.98
ZN ZN E . 18.00 0.06 -8.80
ZN ZN F . -15.96 2.05 12.34
ZN ZN G . -10.66 19.02 -12.33
#